data_7BIG
#
_entry.id   7BIG
#
_cell.length_a   64.933
_cell.length_b   81.484
_cell.length_c   87.424
_cell.angle_alpha   90.000
_cell.angle_beta   90.000
_cell.angle_gamma   90.000
#
_symmetry.space_group_name_H-M   'P 21 21 21'
#
loop_
_entity.id
_entity.type
_entity.pdbx_description
1 polymer v13WRAP-T
2 non-polymer 'CHLORIDE ION'
3 water water
#
_entity_poly.entity_id   1
_entity_poly.type   'polypeptide(L)'
_entity_poly.pdbx_seq_one_letter_code
;MGQLLQTLTGHSSSVTGVAFSPDGQTIASASDDKTVKLWNRNGQLLQTLTGHSSSVTGVAFSPDGQTIASASDDKTVKLW
NRNGQLLQTLTGHSSSVTGVAFSPDGQTIASASDDKTVKLWNRNGQLLQTLTGHSSSVTGVAFSPDGQTIASASDDKTVK
LWNRNGQLLQTLTGHSSSVTGVAFSPDGQTIASASDDKTVKLWNRNGQLLQTLTGHSSSVTGVAFSPDGQTIASASDDKT
VKLWNRNGQLLQTLTGHSSSVTGVAFSPDGQTIASASDDKTVKLWNRN
;
_entity_poly.pdbx_strand_id   A,B
#
# COMPACT_ATOMS: atom_id res chain seq x y z
N GLN A 3 -16.69 -4.16 23.04
CA GLN A 3 -17.99 -4.51 22.46
C GLN A 3 -18.39 -3.52 21.39
N LEU A 4 -18.85 -4.03 20.25
CA LEU A 4 -19.21 -3.18 19.12
C LEU A 4 -20.38 -2.27 19.48
N LEU A 5 -20.17 -0.96 19.27
CA LEU A 5 -21.20 0.03 19.54
C LEU A 5 -21.88 0.57 18.29
N GLN A 6 -21.17 0.66 17.17
CA GLN A 6 -21.65 1.41 16.04
C GLN A 6 -20.75 1.15 14.83
N THR A 7 -21.36 1.11 13.65
CA THR A 7 -20.63 1.00 12.39
C THR A 7 -21.00 2.18 11.51
N LEU A 8 -20.00 2.93 11.08
CA LEU A 8 -20.21 4.14 10.29
C LEU A 8 -20.05 3.78 8.81
N THR A 9 -21.15 3.77 8.09
CA THR A 9 -21.16 3.44 6.67
C THR A 9 -21.46 4.68 5.84
N GLY A 10 -20.75 4.82 4.72
CA GLY A 10 -20.92 5.97 3.86
C GLY A 10 -19.81 6.16 2.85
N HIS A 11 -18.56 5.90 3.26
CA HIS A 11 -17.45 5.98 2.33
C HIS A 11 -17.61 4.93 1.23
N SER A 12 -17.19 5.27 0.02
CA SER A 12 -17.31 4.38 -1.12
C SER A 12 -16.02 3.62 -1.43
N SER A 13 -14.96 3.83 -0.64
CA SER A 13 -13.71 3.10 -0.77
C SER A 13 -13.15 2.83 0.62
N SER A 14 -11.96 2.24 0.67
CA SER A 14 -11.29 1.92 1.92
C SER A 14 -11.17 3.17 2.80
N VAL A 15 -11.34 2.97 4.11
CA VAL A 15 -11.14 4.04 5.09
C VAL A 15 -9.71 3.89 5.62
N THR A 16 -8.94 4.98 5.54
CA THR A 16 -7.50 4.94 5.79
C THR A 16 -7.10 5.48 7.16
N GLY A 17 -7.98 6.18 7.85
CA GLY A 17 -7.64 6.75 9.14
C GLY A 17 -8.89 7.25 9.83
N VAL A 18 -8.74 7.58 11.11
CA VAL A 18 -9.85 8.02 11.93
C VAL A 18 -9.31 8.86 13.08
N ALA A 19 -10.09 9.87 13.46
CA ALA A 19 -9.73 10.78 14.54
C ALA A 19 -10.98 11.25 15.24
N PHE A 20 -10.86 11.47 16.55
CA PHE A 20 -11.92 12.09 17.35
C PHE A 20 -11.69 13.58 17.45
N SER A 21 -12.77 14.35 17.37
CA SER A 21 -12.69 15.76 17.71
C SER A 21 -12.32 15.91 19.18
N PRO A 22 -11.68 17.03 19.55
CA PRO A 22 -11.24 17.19 20.94
C PRO A 22 -12.37 17.08 21.96
N ASP A 23 -13.59 17.52 21.63
CA ASP A 23 -14.68 17.33 22.57
C ASP A 23 -15.30 15.93 22.50
N GLY A 24 -14.78 15.07 21.62
CA GLY A 24 -15.28 13.71 21.50
C GLY A 24 -16.63 13.55 20.85
N GLN A 25 -17.27 14.63 20.42
CA GLN A 25 -18.61 14.55 19.86
C GLN A 25 -18.63 14.34 18.35
N THR A 26 -17.49 14.45 17.68
CA THR A 26 -17.42 14.31 16.24
C THR A 26 -16.28 13.36 15.87
N ILE A 27 -16.55 12.49 14.91
CA ILE A 27 -15.57 11.55 14.38
C ILE A 27 -15.24 11.96 12.95
N ALA A 28 -13.95 11.92 12.61
CA ALA A 28 -13.48 12.20 11.26
C ALA A 28 -12.82 10.96 10.68
N SER A 29 -13.17 10.62 9.45
CA SER A 29 -12.60 9.47 8.76
C SER A 29 -11.96 9.93 7.45
N ALA A 30 -10.78 9.38 7.15
CA ALA A 30 -10.11 9.58 5.88
C ALA A 30 -10.33 8.36 5.01
N SER A 31 -10.41 8.57 3.69
CA SER A 31 -10.74 7.44 2.83
C SER A 31 -10.08 7.57 1.46
N ASP A 32 -9.88 6.42 0.82
CA ASP A 32 -9.41 6.33 -0.54
C ASP A 32 -10.40 6.91 -1.55
N ASP A 33 -11.64 7.21 -1.14
CA ASP A 33 -12.60 7.83 -2.04
C ASP A 33 -12.37 9.34 -2.18
N LYS A 34 -11.22 9.82 -1.73
CA LYS A 34 -10.76 11.20 -1.83
C LYS A 34 -11.48 12.16 -0.89
N THR A 35 -12.24 11.66 0.08
CA THR A 35 -12.97 12.52 1.00
C THR A 35 -12.58 12.27 2.45
N VAL A 36 -12.77 13.29 3.27
CA VAL A 36 -12.89 13.14 4.71
C VAL A 36 -14.37 13.26 5.05
N LYS A 37 -14.86 12.41 5.95
CA LYS A 37 -16.23 12.50 6.40
C LYS A 37 -16.27 12.76 7.91
N LEU A 38 -17.25 13.55 8.32
CA LEU A 38 -17.46 13.90 9.73
C LEU A 38 -18.76 13.27 10.21
N TRP A 39 -18.72 12.61 11.36
CA TRP A 39 -19.82 11.81 11.87
C TRP A 39 -20.15 12.22 13.30
N ASN A 40 -21.37 11.90 13.73
CA ASN A 40 -21.73 12.00 15.13
C ASN A 40 -21.68 10.62 15.80
N ARG A 41 -21.88 10.61 17.12
CA ARG A 41 -21.74 9.38 17.88
C ARG A 41 -22.78 8.33 17.49
N ASN A 42 -23.98 8.76 17.10
CA ASN A 42 -24.99 7.81 16.63
C ASN A 42 -24.61 7.17 15.31
N GLY A 43 -23.59 7.67 14.62
CA GLY A 43 -23.22 7.17 13.32
C GLY A 43 -23.84 7.92 12.16
N GLN A 44 -24.42 9.09 12.42
CA GLN A 44 -25.02 9.89 11.36
C GLN A 44 -23.96 10.76 10.70
N LEU A 45 -23.90 10.70 9.37
CA LEU A 45 -22.96 11.52 8.62
C LEU A 45 -23.35 12.98 8.73
N LEU A 46 -22.38 13.84 9.05
CA LEU A 46 -22.60 15.27 9.19
C LEU A 46 -22.17 16.06 7.97
N GLN A 47 -20.96 15.83 7.47
CA GLN A 47 -20.48 16.48 6.26
C GLN A 47 -19.48 15.58 5.55
N THR A 48 -19.24 15.91 4.28
CA THR A 48 -18.22 15.27 3.47
C THR A 48 -17.32 16.35 2.88
N LEU A 49 -16.02 16.25 3.13
CA LEU A 49 -15.06 17.26 2.71
C LEU A 49 -14.43 16.81 1.39
N THR A 50 -14.77 17.52 0.31
CA THR A 50 -14.24 17.20 -1.01
C THR A 50 -13.29 18.29 -1.47
N GLY A 51 -12.25 17.88 -2.20
CA GLY A 51 -11.26 18.80 -2.70
C GLY A 51 -9.97 18.13 -3.09
N HIS A 52 -9.57 17.09 -2.35
CA HIS A 52 -8.38 16.32 -2.70
C HIS A 52 -8.59 15.62 -4.04
N SER A 53 -7.53 15.55 -4.84
CA SER A 53 -7.62 14.91 -6.15
C SER A 53 -7.22 13.44 -6.12
N SER A 54 -6.75 12.92 -4.98
CA SER A 54 -6.40 11.52 -4.84
C SER A 54 -6.85 11.04 -3.46
N SER A 55 -6.55 9.78 -3.17
CA SER A 55 -6.88 9.17 -1.88
C SER A 55 -6.42 10.04 -0.71
N VAL A 56 -7.25 10.07 0.34
CA VAL A 56 -6.90 10.71 1.60
C VAL A 56 -6.35 9.64 2.53
N THR A 57 -5.18 9.91 3.12
CA THR A 57 -4.43 8.91 3.88
C THR A 57 -4.49 9.10 5.39
N GLY A 58 -4.86 10.28 5.87
CA GLY A 58 -4.90 10.55 7.29
C GLY A 58 -5.68 11.82 7.56
N VAL A 59 -6.07 11.99 8.81
CA VAL A 59 -6.85 13.15 9.22
C VAL A 59 -6.54 13.46 10.68
N ALA A 60 -6.59 14.74 11.02
CA ALA A 60 -6.30 15.18 12.38
C ALA A 60 -7.07 16.45 12.69
N PHE A 61 -7.36 16.63 13.98
CA PHE A 61 -7.97 17.85 14.52
C PHE A 61 -6.90 18.67 15.24
N SER A 62 -7.00 19.99 15.13
CA SER A 62 -6.20 20.83 16.02
C SER A 62 -6.78 20.75 17.43
N PRO A 63 -5.94 20.95 18.46
CA PRO A 63 -6.43 20.79 19.84
C PRO A 63 -7.60 21.68 20.21
N ASP A 64 -7.74 22.84 19.56
CA ASP A 64 -8.91 23.67 19.79
C ASP A 64 -10.14 23.17 19.06
N GLY A 65 -10.00 22.10 18.27
CA GLY A 65 -11.10 21.52 17.54
C GLY A 65 -11.57 22.30 16.32
N GLN A 66 -10.90 23.41 15.99
CA GLN A 66 -11.41 24.28 14.93
C GLN A 66 -10.80 24.01 13.55
N THR A 67 -9.70 23.28 13.48
CA THR A 67 -9.04 22.98 12.21
C THR A 67 -8.99 21.47 11.99
N ILE A 68 -9.34 21.03 10.79
CA ILE A 68 -9.15 19.66 10.35
C ILE A 68 -8.03 19.66 9.33
N ALA A 69 -7.05 18.77 9.52
CA ALA A 69 -5.98 18.56 8.57
C ALA A 69 -6.15 17.19 7.92
N SER A 70 -6.02 17.14 6.61
CA SER A 70 -6.07 15.88 5.87
C SER A 70 -4.80 15.70 5.05
N ALA A 71 -4.28 14.49 5.05
CA ALA A 71 -3.15 14.11 4.21
C ALA A 71 -3.65 13.33 3.00
N SER A 72 -2.99 13.48 1.86
CA SER A 72 -3.51 12.86 0.65
C SER A 72 -2.38 12.37 -0.25
N ASP A 73 -2.70 11.37 -1.05
CA ASP A 73 -1.80 10.90 -2.11
C ASP A 73 -1.59 11.94 -3.20
N ASP A 74 -2.39 13.01 -3.22
CA ASP A 74 -2.19 14.08 -4.19
C ASP A 74 -1.03 15.01 -3.82
N LYS A 75 -0.22 14.64 -2.82
CA LYS A 75 1.00 15.32 -2.39
C LYS A 75 0.76 16.55 -1.51
N THR A 76 -0.46 16.76 -0.99
CA THR A 76 -0.76 17.95 -0.21
C THR A 76 -1.35 17.59 1.14
N VAL A 77 -1.25 18.55 2.05
CA VAL A 77 -2.12 18.63 3.22
C VAL A 77 -3.13 19.73 2.96
N LYS A 78 -4.38 19.48 3.28
CA LYS A 78 -5.42 20.50 3.21
C LYS A 78 -5.96 20.77 4.61
N LEU A 79 -6.23 22.04 4.88
CA LEU A 79 -6.77 22.51 6.15
C LEU A 79 -8.19 23.00 5.93
N TRP A 80 -9.10 22.58 6.82
CA TRP A 80 -10.52 22.84 6.67
C TRP A 80 -11.07 23.39 7.97
N ASN A 81 -12.14 24.17 7.88
CA ASN A 81 -12.86 24.53 9.09
C ASN A 81 -13.95 23.49 9.38
N ARG A 82 -14.63 23.66 10.50
CA ARG A 82 -15.63 22.68 10.92
C ARG A 82 -16.88 22.70 10.05
N ASN A 83 -17.01 23.68 9.16
CA ASN A 83 -18.08 23.70 8.16
C ASN A 83 -17.69 22.99 6.88
N GLY A 84 -16.56 22.27 6.86
CA GLY A 84 -16.13 21.58 5.67
C GLY A 84 -15.59 22.49 4.58
N GLN A 85 -15.31 23.75 4.88
CA GLN A 85 -14.82 24.70 3.90
C GLN A 85 -13.30 24.67 3.89
N LEU A 86 -12.72 24.65 2.68
CA LEU A 86 -11.27 24.59 2.55
C LEU A 86 -10.64 25.92 2.95
N LEU A 87 -9.68 25.86 3.85
CA LEU A 87 -8.94 27.06 4.26
C LEU A 87 -7.65 27.22 3.47
N GLN A 88 -6.84 26.17 3.41
CA GLN A 88 -5.53 26.24 2.76
C GLN A 88 -5.13 24.88 2.21
N THR A 89 -4.18 24.91 1.29
CA THR A 89 -3.52 23.72 0.77
C THR A 89 -2.03 23.89 1.01
N LEU A 90 -1.41 22.90 1.67
CA LEU A 90 0.01 22.94 1.95
C LEU A 90 0.73 22.12 0.88
N THR A 91 1.46 22.80 0.00
CA THR A 91 2.19 22.17 -1.07
C THR A 91 3.68 22.23 -0.77
N GLY A 92 4.41 21.21 -1.24
CA GLY A 92 5.84 21.15 -0.99
C GLY A 92 6.39 19.74 -1.06
N HIS A 93 5.64 18.77 -0.56
CA HIS A 93 6.05 17.38 -0.68
C HIS A 93 6.06 16.97 -2.15
N SER A 94 7.06 16.17 -2.53
CA SER A 94 7.19 15.73 -3.91
C SER A 94 6.56 14.37 -4.17
N SER A 95 5.96 13.75 -3.15
CA SER A 95 5.29 12.46 -3.28
C SER A 95 4.09 12.45 -2.34
N SER A 96 3.40 11.31 -2.30
CA SER A 96 2.20 11.17 -1.49
C SER A 96 2.46 11.56 -0.04
N VAL A 97 1.49 12.24 0.56
CA VAL A 97 1.51 12.55 1.99
C VAL A 97 0.77 11.43 2.72
N THR A 98 1.42 10.84 3.71
CA THR A 98 0.91 9.64 4.36
C THR A 98 0.30 9.90 5.73
N GLY A 99 0.55 11.05 6.33
CA GLY A 99 0.05 11.32 7.66
C GLY A 99 0.25 12.78 8.02
N VAL A 100 -0.48 13.20 9.05
CA VAL A 100 -0.46 14.59 9.48
C VAL A 100 -0.80 14.62 10.96
N ALA A 101 -0.22 15.60 11.66
CA ALA A 101 -0.42 15.75 13.09
C ALA A 101 -0.24 17.21 13.49
N PHE A 102 -0.96 17.59 14.55
CA PHE A 102 -0.86 18.93 15.12
C PHE A 102 0.00 18.86 16.39
N SER A 103 0.82 19.90 16.60
CA SER A 103 1.56 20.02 17.84
C SER A 103 0.59 20.17 19.01
N PRO A 104 1.03 19.82 20.23
CA PRO A 104 0.12 19.94 21.39
C PRO A 104 -0.45 21.33 21.60
N ASP A 105 0.30 22.39 21.27
CA ASP A 105 -0.23 23.74 21.37
C ASP A 105 -1.00 24.15 20.12
N GLY A 106 -1.08 23.28 19.12
CA GLY A 106 -1.92 23.50 17.95
C GLY A 106 -1.40 24.47 16.92
N GLN A 107 -0.21 25.03 17.11
CA GLN A 107 0.30 26.07 16.21
C GLN A 107 1.33 25.55 15.20
N THR A 108 1.69 24.28 15.27
CA THR A 108 2.61 23.68 14.30
C THR A 108 2.00 22.39 13.77
N ILE A 109 2.24 22.12 12.49
CA ILE A 109 1.72 20.93 11.80
C ILE A 109 2.90 20.14 11.26
N ALA A 110 2.87 18.83 11.48
CA ALA A 110 3.86 17.90 10.91
C ALA A 110 3.19 16.99 9.89
N SER A 111 3.85 16.81 8.76
CA SER A 111 3.35 15.93 7.70
C SER A 111 4.42 14.91 7.35
N ALA A 112 3.98 13.68 7.10
CA ALA A 112 4.85 12.60 6.66
C ALA A 112 4.59 12.32 5.18
N SER A 113 5.64 11.99 4.44
CA SER A 113 5.47 11.78 3.01
C SER A 113 6.31 10.62 2.50
N ASP A 114 5.85 10.05 1.39
CA ASP A 114 6.62 9.05 0.65
C ASP A 114 7.89 9.64 0.04
N ASP A 115 8.07 10.96 0.07
CA ASP A 115 9.32 11.56 -0.39
C ASP A 115 10.43 11.48 0.65
N LYS A 116 10.25 10.66 1.69
CA LYS A 116 11.25 10.35 2.73
C LYS A 116 11.44 11.47 3.75
N THR A 117 10.60 12.51 3.73
CA THR A 117 10.76 13.62 4.65
C THR A 117 9.55 13.77 5.56
N VAL A 118 9.78 14.44 6.68
CA VAL A 118 8.73 15.07 7.47
C VAL A 118 8.86 16.57 7.26
N LYS A 119 7.74 17.24 7.01
CA LYS A 119 7.76 18.69 6.89
C LYS A 119 7.00 19.31 8.06
N LEU A 120 7.57 20.37 8.62
CA LEU A 120 6.96 21.12 9.71
C LEU A 120 6.40 22.42 9.14
N TRP A 121 5.15 22.72 9.47
CA TRP A 121 4.44 23.86 8.93
C TRP A 121 3.87 24.67 10.09
N ASN A 122 3.80 25.98 9.90
CA ASN A 122 3.05 26.78 10.86
C ASN A 122 1.56 26.54 10.68
N ARG A 123 0.79 26.88 11.71
CA ARG A 123 -0.67 26.74 11.69
C ARG A 123 -1.27 27.37 10.43
N ASN A 124 -0.68 28.46 9.95
CA ASN A 124 -1.25 29.21 8.84
C ASN A 124 -0.58 28.91 7.51
N GLY A 125 0.15 27.79 7.42
CA GLY A 125 0.56 27.24 6.14
C GLY A 125 2.01 27.43 5.76
N GLN A 126 2.75 28.28 6.45
CA GLN A 126 4.14 28.53 6.07
C GLN A 126 4.98 27.28 6.33
N LEU A 127 5.77 26.88 5.34
CA LEU A 127 6.70 25.78 5.52
C LEU A 127 7.84 26.23 6.43
N LEU A 128 8.05 25.50 7.52
CA LEU A 128 9.09 25.84 8.48
C LEU A 128 10.36 25.03 8.27
N GLN A 129 10.23 23.70 8.20
CA GLN A 129 11.37 22.81 8.14
C GLN A 129 11.05 21.59 7.30
N THR A 130 12.10 20.97 6.77
CA THR A 130 12.03 19.65 6.16
C THR A 130 13.03 18.76 6.88
N LEU A 131 12.53 17.74 7.57
CA LEU A 131 13.39 16.83 8.34
C LEU A 131 13.83 15.69 7.43
N THR A 132 15.13 15.63 7.14
CA THR A 132 15.70 14.62 6.27
C THR A 132 16.58 13.67 7.08
N GLY A 133 16.53 12.39 6.74
CA GLY A 133 17.28 11.38 7.46
C GLY A 133 16.78 9.97 7.17
N HIS A 134 15.47 9.80 7.04
CA HIS A 134 14.92 8.51 6.64
C HIS A 134 15.37 8.17 5.22
N SER A 135 15.64 6.89 4.98
CA SER A 135 16.09 6.43 3.68
C SER A 135 14.98 5.81 2.84
N SER A 136 13.75 5.80 3.36
CA SER A 136 12.58 5.36 2.60
C SER A 136 11.39 6.21 3.02
N SER A 137 10.25 5.91 2.42
CA SER A 137 8.99 6.59 2.71
C SER A 137 8.76 6.74 4.21
N VAL A 138 8.32 7.92 4.62
CA VAL A 138 7.86 8.16 5.98
C VAL A 138 6.36 7.88 6.04
N THR A 139 5.93 7.10 7.04
CA THR A 139 4.57 6.60 7.08
C THR A 139 3.69 7.29 8.10
N GLY A 140 4.27 7.91 9.12
CA GLY A 140 3.49 8.55 10.15
C GLY A 140 4.37 9.47 10.97
N VAL A 141 3.72 10.31 11.78
CA VAL A 141 4.42 11.30 12.58
C VAL A 141 3.57 11.58 13.81
N ALA A 142 4.23 11.94 14.91
CA ALA A 142 3.54 12.30 16.15
C ALA A 142 4.40 13.26 16.95
N PHE A 143 3.74 14.10 17.73
CA PHE A 143 4.39 15.00 18.68
C PHE A 143 4.32 14.39 20.08
N SER A 144 5.39 14.56 20.84
CA SER A 144 5.32 14.24 22.26
C SER A 144 4.36 15.23 22.95
N PRO A 145 3.70 14.83 24.04
CA PRO A 145 2.73 15.73 24.68
C PRO A 145 3.35 16.99 25.24
N ASP A 146 4.63 17.01 25.59
CA ASP A 146 5.27 18.28 25.91
C ASP A 146 5.67 19.06 24.66
N GLY A 147 5.41 18.51 23.47
CA GLY A 147 5.73 19.16 22.22
C GLY A 147 7.20 19.31 21.91
N GLN A 148 8.09 18.84 22.78
CA GLN A 148 9.52 19.04 22.57
C GLN A 148 10.15 18.02 21.63
N THR A 149 9.48 16.91 21.35
CA THR A 149 10.03 15.87 20.50
C THR A 149 9.02 15.47 19.44
N ILE A 150 9.53 15.13 18.26
CA ILE A 150 8.75 14.61 17.14
C ILE A 150 9.21 13.20 16.85
N ALA A 151 8.27 12.29 16.60
CA ALA A 151 8.57 10.91 16.24
C ALA A 151 8.06 10.64 14.84
N SER A 152 8.89 10.02 14.01
CA SER A 152 8.53 9.68 12.63
C SER A 152 8.73 8.19 12.41
N ALA A 153 7.73 7.54 11.81
CA ALA A 153 7.79 6.15 11.41
C ALA A 153 8.10 6.05 9.91
N SER A 154 8.82 5.01 9.51
CA SER A 154 9.28 4.96 8.13
C SER A 154 9.34 3.53 7.61
N ASP A 155 9.20 3.42 6.28
CA ASP A 155 9.43 2.15 5.60
C ASP A 155 10.88 1.68 5.68
N ASP A 156 11.80 2.54 6.12
CA ASP A 156 13.18 2.13 6.33
C ASP A 156 13.37 1.29 7.60
N LYS A 157 12.27 0.92 8.25
CA LYS A 157 12.19 0.02 9.40
C LYS A 157 12.56 0.70 10.71
N THR A 158 12.65 2.03 10.77
CA THR A 158 13.05 2.71 11.99
C THR A 158 11.99 3.71 12.42
N VAL A 159 12.10 4.11 13.69
CA VAL A 159 11.49 5.33 14.21
C VAL A 159 12.63 6.30 14.46
N LYS A 160 12.44 7.57 14.09
CA LYS A 160 13.42 8.60 14.41
C LYS A 160 12.77 9.63 15.34
N LEU A 161 13.57 10.11 16.29
CA LEU A 161 13.14 11.13 17.25
C LEU A 161 13.90 12.42 16.99
N TRP A 162 13.16 13.51 16.81
CA TRP A 162 13.72 14.81 16.48
C TRP A 162 13.35 15.82 17.54
N ASN A 163 14.17 16.85 17.72
CA ASN A 163 13.75 17.99 18.52
C ASN A 163 13.11 19.04 17.62
N ARG A 164 12.55 20.09 18.24
CA ARG A 164 11.77 21.05 17.48
C ARG A 164 12.63 21.93 16.57
N ASN A 165 13.94 21.98 16.81
CA ASN A 165 14.84 22.56 15.81
C ASN A 165 15.04 21.64 14.61
N GLY A 166 14.47 20.44 14.62
CA GLY A 166 14.71 19.51 13.54
C GLY A 166 16.00 18.74 13.64
N GLN A 167 16.63 18.73 14.81
CA GLN A 167 17.86 17.97 15.02
C GLN A 167 17.50 16.52 15.36
N LEU A 168 18.10 15.58 14.64
CA LEU A 168 17.87 14.17 14.91
C LEU A 168 18.50 13.78 16.23
N LEU A 169 17.71 13.16 17.10
CA LEU A 169 18.15 12.77 18.44
C LEU A 169 18.39 11.28 18.60
N GLN A 170 17.49 10.45 18.07
CA GLN A 170 17.60 9.00 18.20
C GLN A 170 17.05 8.34 16.94
N THR A 171 17.56 7.14 16.66
CA THR A 171 16.95 6.24 15.69
C THR A 171 16.64 4.93 16.40
N LEU A 172 15.37 4.53 16.38
CA LEU A 172 14.91 3.31 17.04
C LEU A 172 14.98 2.15 16.05
N THR A 173 15.86 1.19 16.33
CA THR A 173 16.13 0.07 15.44
C THR A 173 15.72 -1.22 16.15
N GLY A 174 14.97 -2.07 15.44
CA GLY A 174 14.56 -3.34 15.99
C GLY A 174 13.53 -4.03 15.12
N HIS A 175 12.58 -3.27 14.57
CA HIS A 175 11.59 -3.86 13.67
C HIS A 175 12.27 -4.46 12.45
N SER A 176 11.68 -5.54 11.95
CA SER A 176 12.22 -6.28 10.81
C SER A 176 11.65 -5.81 9.48
N SER A 177 10.56 -5.03 9.49
CA SER A 177 9.96 -4.52 8.28
C SER A 177 9.53 -3.08 8.53
N SER A 178 8.81 -2.52 7.56
CA SER A 178 8.35 -1.13 7.62
C SER A 178 7.69 -0.83 8.95
N VAL A 179 7.95 0.37 9.47
CA VAL A 179 7.20 0.91 10.59
C VAL A 179 6.06 1.74 10.01
N THR A 180 4.83 1.44 10.44
CA THR A 180 3.63 2.01 9.84
C THR A 180 3.01 3.13 10.65
N GLY A 181 3.32 3.22 11.95
CA GLY A 181 2.75 4.25 12.80
C GLY A 181 3.56 4.36 14.07
N VAL A 182 3.38 5.48 14.77
CA VAL A 182 4.12 5.76 16.00
C VAL A 182 3.23 6.61 16.91
N ALA A 183 3.39 6.43 18.22
CA ALA A 183 2.63 7.19 19.19
C ALA A 183 3.42 7.34 20.48
N PHE A 184 3.22 8.47 21.15
CA PHE A 184 3.77 8.71 22.49
C PHE A 184 2.73 8.35 23.55
N SER A 185 3.20 7.82 24.67
CA SER A 185 2.32 7.65 25.82
C SER A 185 1.95 9.02 26.38
N PRO A 186 0.75 9.15 26.97
CA PRO A 186 0.34 10.45 27.51
C PRO A 186 1.31 11.04 28.51
N ASP A 187 2.00 10.21 29.31
CA ASP A 187 3.02 10.72 30.20
C ASP A 187 4.36 10.95 29.48
N GLY A 188 4.41 10.71 28.18
CA GLY A 188 5.59 10.98 27.37
C GLY A 188 6.74 10.02 27.56
N GLN A 189 6.70 9.13 28.56
CA GLN A 189 7.83 8.28 28.86
C GLN A 189 7.96 7.09 27.91
N THR A 190 6.90 6.74 27.18
CA THR A 190 6.89 5.53 26.37
C THR A 190 6.52 5.86 24.92
N ILE A 191 7.24 5.27 23.98
CA ILE A 191 6.95 5.36 22.56
C ILE A 191 6.50 3.98 22.08
N ALA A 192 5.43 3.94 21.29
CA ALA A 192 4.94 2.72 20.70
C ALA A 192 5.07 2.80 19.19
N SER A 193 5.52 1.72 18.57
CA SER A 193 5.67 1.66 17.11
C SER A 193 4.92 0.45 16.58
N ALA A 194 4.25 0.62 15.44
CA ALA A 194 3.59 -0.45 14.74
C ALA A 194 4.36 -0.78 13.47
N SER A 195 4.37 -2.06 13.09
CA SER A 195 5.22 -2.43 11.97
C SER A 195 4.60 -3.56 11.17
N ASP A 196 5.02 -3.65 9.91
CA ASP A 196 4.66 -4.75 9.03
C ASP A 196 5.25 -6.07 9.51
N ASP A 197 6.16 -6.06 10.49
CA ASP A 197 6.69 -7.31 11.04
C ASP A 197 5.73 -7.97 12.02
N LYS A 198 4.48 -7.51 12.08
CA LYS A 198 3.38 -8.08 12.87
C LYS A 198 3.47 -7.77 14.36
N THR A 199 4.34 -6.85 14.77
CA THR A 199 4.51 -6.55 16.19
C THR A 199 4.30 -5.06 16.46
N VAL A 200 4.04 -4.76 17.72
CA VAL A 200 4.18 -3.43 18.28
C VAL A 200 5.38 -3.47 19.21
N LYS A 201 6.23 -2.45 19.14
CA LYS A 201 7.38 -2.36 20.03
C LYS A 201 7.24 -1.13 20.91
N LEU A 202 7.57 -1.30 22.18
CA LEU A 202 7.53 -0.23 23.17
C LEU A 202 8.95 0.22 23.48
N TRP A 203 9.17 1.53 23.46
CA TRP A 203 10.50 2.12 23.61
C TRP A 203 10.43 3.23 24.65
N ASN A 204 11.56 3.52 25.28
CA ASN A 204 11.69 4.74 26.06
C ASN A 204 12.34 5.84 25.23
N ARG A 205 12.21 7.08 25.70
CA ARG A 205 12.75 8.21 24.94
C ARG A 205 14.26 8.14 24.80
N ASN A 206 14.94 7.44 25.72
CA ASN A 206 16.37 7.22 25.53
C ASN A 206 16.66 6.18 24.46
N GLY A 207 15.66 5.76 23.70
CA GLY A 207 15.86 4.94 22.53
C GLY A 207 15.97 3.45 22.77
N GLN A 208 15.66 2.99 23.98
CA GLN A 208 15.89 1.60 24.36
C GLN A 208 14.62 0.79 24.17
N LEU A 209 14.75 -0.39 23.57
CA LEU A 209 13.62 -1.29 23.43
C LEU A 209 13.19 -1.79 24.79
N LEU A 210 11.92 -1.58 25.13
CA LEU A 210 11.37 -2.08 26.39
C LEU A 210 10.66 -3.40 26.22
N GLN A 211 9.80 -3.52 25.20
CA GLN A 211 8.93 -4.68 25.03
C GLN A 211 8.59 -4.84 23.56
N THR A 212 8.25 -6.07 23.19
CA THR A 212 7.70 -6.40 21.88
C THR A 212 6.36 -7.10 22.08
N LEU A 213 5.32 -6.57 21.45
CA LEU A 213 3.96 -7.06 21.62
C LEU A 213 3.63 -7.95 20.42
N THR A 214 3.53 -9.26 20.66
CA THR A 214 3.30 -10.23 19.61
C THR A 214 1.93 -10.86 19.75
N GLY A 215 1.34 -11.23 18.61
CA GLY A 215 0.01 -11.81 18.62
C GLY A 215 -0.74 -11.62 17.32
N HIS A 216 -0.55 -10.47 16.68
CA HIS A 216 -1.14 -10.25 15.37
C HIS A 216 -0.54 -11.22 14.35
N SER A 217 -1.35 -11.62 13.38
CA SER A 217 -0.92 -12.57 12.37
C SER A 217 -0.58 -11.91 11.03
N SER A 218 -0.79 -10.60 10.91
CA SER A 218 -0.41 -9.85 9.73
C SER A 218 0.16 -8.51 10.19
N SER A 219 0.41 -7.62 9.22
CA SER A 219 1.02 -6.33 9.52
C SER A 219 0.20 -5.56 10.56
N VAL A 220 0.90 -4.83 11.42
CA VAL A 220 0.27 -3.89 12.33
C VAL A 220 0.31 -2.52 11.65
N THR A 221 -0.86 -1.92 11.47
CA THR A 221 -0.99 -0.71 10.66
C THR A 221 -1.09 0.56 11.48
N GLY A 222 -1.23 0.44 12.80
CA GLY A 222 -1.37 1.62 13.63
C GLY A 222 -1.37 1.23 15.09
N VAL A 223 -1.12 2.24 15.93
CA VAL A 223 -1.05 2.04 17.37
C VAL A 223 -1.48 3.32 18.05
N ALA A 224 -2.08 3.18 19.24
CA ALA A 224 -2.56 4.34 19.98
C ALA A 224 -2.54 4.03 21.48
N PHE A 225 -2.35 5.08 22.28
CA PHE A 225 -2.40 4.99 23.72
C PHE A 225 -3.73 5.53 24.23
N SER A 226 -4.29 4.86 25.23
CA SER A 226 -5.46 5.39 25.91
C SER A 226 -5.08 6.69 26.63
N PRO A 227 -6.06 7.57 26.87
CA PRO A 227 -5.74 8.86 27.50
C PRO A 227 -5.04 8.73 28.84
N ASP A 228 -5.29 7.67 29.61
CA ASP A 228 -4.62 7.48 30.88
C ASP A 228 -3.28 6.76 30.77
N GLY A 229 -2.88 6.37 29.56
CA GLY A 229 -1.59 5.72 29.34
C GLY A 229 -1.51 4.27 29.74
N GLN A 230 -2.60 3.68 30.22
CA GLN A 230 -2.54 2.32 30.76
C GLN A 230 -2.89 1.24 29.74
N THR A 231 -3.45 1.61 28.59
CA THR A 231 -3.87 0.63 27.60
C THR A 231 -3.33 1.02 26.23
N ILE A 232 -2.89 0.01 25.47
CA ILE A 232 -2.40 0.19 24.11
C ILE A 232 -3.36 -0.50 23.16
N ALA A 233 -3.68 0.18 22.05
CA ALA A 233 -4.53 -0.37 21.00
C ALA A 233 -3.71 -0.52 19.72
N SER A 234 -3.82 -1.69 19.09
CA SER A 234 -3.14 -1.96 17.84
C SER A 234 -4.14 -2.37 16.77
N ALA A 235 -3.94 -1.86 15.56
CA ALA A 235 -4.74 -2.22 14.40
C ALA A 235 -3.90 -3.07 13.45
N SER A 236 -4.55 -3.99 12.73
CA SER A 236 -3.77 -4.95 11.96
C SER A 236 -4.49 -5.36 10.69
N ASP A 237 -3.68 -5.69 9.68
CA ASP A 237 -4.17 -6.30 8.45
C ASP A 237 -4.84 -7.65 8.69
N ASP A 238 -4.71 -8.23 9.89
CA ASP A 238 -5.42 -9.45 10.23
C ASP A 238 -6.87 -9.20 10.63
N LYS A 239 -7.37 -8.00 10.36
CA LYS A 239 -8.77 -7.57 10.50
C LYS A 239 -9.18 -7.32 11.95
N THR A 240 -8.25 -7.27 12.89
CA THR A 240 -8.59 -7.08 14.29
C THR A 240 -7.95 -5.81 14.84
N VAL A 241 -8.51 -5.35 15.96
CA VAL A 241 -7.84 -4.45 16.88
C VAL A 241 -7.54 -5.24 18.14
N LYS A 242 -6.34 -5.08 18.68
CA LYS A 242 -5.96 -5.74 19.92
C LYS A 242 -5.65 -4.68 20.98
N LEU A 243 -6.00 -4.99 22.23
CA LEU A 243 -5.73 -4.12 23.35
C LEU A 243 -4.72 -4.78 24.28
N TRP A 244 -3.73 -4.00 24.72
CA TRP A 244 -2.61 -4.50 25.50
C TRP A 244 -2.45 -3.61 26.72
N ASN A 245 -1.79 -4.12 27.76
CA ASN A 245 -1.38 -3.27 28.87
C ASN A 245 0.09 -2.90 28.75
N ARG A 246 0.52 -1.98 29.61
CA ARG A 246 1.87 -1.44 29.52
C ARG A 246 2.94 -2.50 29.75
N ASN A 247 2.58 -3.63 30.36
CA ASN A 247 3.50 -4.75 30.51
C ASN A 247 3.44 -5.71 29.34
N GLY A 248 2.82 -5.32 28.23
CA GLY A 248 2.81 -6.10 27.02
C GLY A 248 1.84 -7.27 26.99
N GLN A 249 0.95 -7.37 27.97
CA GLN A 249 0.00 -8.47 28.01
C GLN A 249 -1.21 -8.15 27.14
N LEU A 250 -1.58 -9.10 26.28
CA LEU A 250 -2.76 -8.93 25.44
C LEU A 250 -4.01 -8.92 26.31
N LEU A 251 -4.76 -7.82 26.28
CA LEU A 251 -5.98 -7.75 27.07
C LEU A 251 -7.16 -8.39 26.36
N GLN A 252 -7.40 -8.03 25.10
CA GLN A 252 -8.60 -8.50 24.43
C GLN A 252 -8.49 -8.16 22.94
N THR A 253 -9.27 -8.86 22.12
CA THR A 253 -9.19 -8.72 20.67
C THR A 253 -10.56 -8.35 20.11
N LEU A 254 -10.61 -7.27 19.31
CA LEU A 254 -11.86 -6.76 18.76
C LEU A 254 -12.02 -7.24 17.33
N THR A 255 -12.93 -8.18 17.12
CA THR A 255 -13.21 -8.74 15.81
C THR A 255 -14.56 -8.25 15.32
N GLY A 256 -14.67 -8.05 14.01
CA GLY A 256 -15.87 -7.53 13.41
C GLY A 256 -15.67 -7.00 12.01
N HIS A 257 -14.53 -6.34 11.77
CA HIS A 257 -14.21 -5.83 10.45
C HIS A 257 -14.00 -6.99 9.48
N SER A 258 -14.40 -6.76 8.22
CA SER A 258 -14.30 -7.80 7.20
C SER A 258 -13.08 -7.65 6.31
N SER A 259 -12.28 -6.60 6.51
CA SER A 259 -11.01 -6.42 5.81
C SER A 259 -10.01 -5.81 6.78
N SER A 260 -8.81 -5.52 6.26
CA SER A 260 -7.73 -4.97 7.07
C SER A 260 -8.18 -3.75 7.86
N VAL A 261 -7.70 -3.64 9.09
CA VAL A 261 -7.88 -2.44 9.89
C VAL A 261 -6.70 -1.53 9.66
N THR A 262 -6.96 -0.28 9.32
CA THR A 262 -5.94 0.65 8.86
C THR A 262 -5.52 1.67 9.91
N GLY A 263 -6.26 1.79 10.99
CA GLY A 263 -5.91 2.74 12.04
C GLY A 263 -6.86 2.58 13.20
N VAL A 264 -6.48 3.21 14.32
CA VAL A 264 -7.25 3.11 15.55
C VAL A 264 -6.99 4.35 16.38
N ALA A 265 -7.99 4.75 17.16
CA ALA A 265 -7.88 5.92 18.01
C ALA A 265 -8.80 5.77 19.22
N PHE A 266 -8.35 6.30 20.35
CA PHE A 266 -9.18 6.42 21.54
C PHE A 266 -9.89 7.77 21.53
N SER A 267 -11.12 7.78 22.05
CA SER A 267 -11.78 9.06 22.29
C SER A 267 -10.99 9.84 23.34
N PRO A 268 -11.07 11.17 23.33
CA PRO A 268 -10.35 11.97 24.34
C PRO A 268 -10.65 11.54 25.78
N ASP A 269 -11.87 11.10 26.06
CA ASP A 269 -12.26 10.69 27.40
C ASP A 269 -12.00 9.21 27.68
N GLY A 270 -11.39 8.50 26.74
CA GLY A 270 -11.03 7.10 26.92
C GLY A 270 -12.19 6.13 26.89
N GLN A 271 -13.42 6.58 26.69
CA GLN A 271 -14.57 5.69 26.77
C GLN A 271 -14.85 4.92 25.48
N THR A 272 -14.32 5.38 24.35
CA THR A 272 -14.65 4.79 23.06
C THR A 272 -13.39 4.54 22.24
N ILE A 273 -13.37 3.42 21.52
CA ILE A 273 -12.33 3.08 20.56
C ILE A 273 -12.93 3.15 19.16
N ALA A 274 -12.26 3.86 18.25
CA ALA A 274 -12.65 3.91 16.85
C ALA A 274 -11.60 3.19 16.00
N SER A 275 -12.08 2.40 15.04
CA SER A 275 -11.20 1.66 14.13
C SER A 275 -11.63 1.90 12.69
N ALA A 276 -10.67 2.16 11.82
CA ALA A 276 -10.90 2.37 10.40
C ALA A 276 -10.46 1.13 9.62
N SER A 277 -11.18 0.80 8.56
CA SER A 277 -10.92 -0.45 7.87
C SER A 277 -11.01 -0.30 6.36
N ASP A 278 -10.35 -1.21 5.65
CA ASP A 278 -10.49 -1.34 4.21
C ASP A 278 -11.88 -1.78 3.80
N ASP A 279 -12.70 -2.26 4.73
CA ASP A 279 -14.08 -2.62 4.46
C ASP A 279 -14.99 -1.39 4.35
N LYS A 280 -14.40 -0.20 4.22
CA LYS A 280 -15.08 1.07 3.96
C LYS A 280 -15.89 1.58 5.15
N THR A 281 -15.63 1.09 6.36
CA THR A 281 -16.38 1.53 7.54
C THR A 281 -15.43 1.96 8.66
N VAL A 282 -15.98 2.76 9.57
CA VAL A 282 -15.42 2.97 10.90
C VAL A 282 -16.32 2.28 11.91
N LYS A 283 -15.72 1.54 12.84
CA LYS A 283 -16.48 0.89 13.90
C LYS A 283 -16.10 1.49 15.24
N LEU A 284 -17.11 1.74 16.07
CA LEU A 284 -16.94 2.26 17.42
C LEU A 284 -17.18 1.15 18.42
N TRP A 285 -16.33 1.10 19.45
CA TRP A 285 -16.30 0.01 20.40
C TRP A 285 -16.26 0.61 21.80
N ASN A 286 -16.85 -0.09 22.77
CA ASN A 286 -16.64 0.30 24.15
C ASN A 286 -15.42 -0.42 24.72
N ARG A 287 -15.00 0.01 25.91
CA ARG A 287 -13.78 -0.53 26.50
C ARG A 287 -13.92 -1.98 26.93
N ASN A 288 -15.16 -2.49 27.04
CA ASN A 288 -15.38 -3.87 27.42
C ASN A 288 -15.77 -4.72 26.20
N GLN B 3 10.78 7.17 -25.15
CA GLN B 3 9.96 8.10 -25.94
C GLN B 3 8.47 7.82 -25.77
N LEU B 4 7.71 8.85 -25.42
CA LEU B 4 6.32 8.72 -25.03
C LEU B 4 5.40 8.77 -26.25
N LEU B 5 4.59 7.73 -26.42
CA LEU B 5 3.67 7.62 -27.55
C LEU B 5 2.24 8.03 -27.18
N GLN B 6 1.68 7.45 -26.12
CA GLN B 6 0.30 7.71 -25.74
C GLN B 6 0.19 7.84 -24.23
N THR B 7 -0.78 8.64 -23.79
CA THR B 7 -1.22 8.66 -22.39
C THR B 7 -2.69 8.29 -22.37
N LEU B 8 -3.02 7.21 -21.66
CA LEU B 8 -4.38 6.70 -21.59
C LEU B 8 -5.05 7.28 -20.35
N THR B 9 -6.02 8.17 -20.56
CA THR B 9 -6.72 8.83 -19.47
C THR B 9 -8.19 8.38 -19.44
N GLY B 10 -8.75 8.32 -18.24
CA GLY B 10 -10.12 7.88 -18.06
C GLY B 10 -10.37 7.29 -16.68
N HIS B 11 -9.37 6.60 -16.13
CA HIS B 11 -9.51 6.08 -14.78
C HIS B 11 -9.62 7.24 -13.80
N SER B 12 -10.49 7.09 -12.79
CA SER B 12 -10.72 8.15 -11.82
C SER B 12 -9.87 8.01 -10.56
N SER B 13 -9.09 6.93 -10.44
CA SER B 13 -8.19 6.73 -9.32
C SER B 13 -6.87 6.20 -9.86
N SER B 14 -5.92 5.98 -8.94
CA SER B 14 -4.64 5.37 -9.27
C SER B 14 -4.81 4.14 -10.15
N VAL B 15 -3.90 3.97 -11.11
CA VAL B 15 -3.86 2.79 -11.96
C VAL B 15 -2.79 1.85 -11.40
N THR B 16 -3.16 0.59 -11.19
CA THR B 16 -2.36 -0.33 -10.41
C THR B 16 -1.59 -1.35 -11.24
N GLY B 17 -2.03 -1.62 -12.48
CA GLY B 17 -1.39 -2.62 -13.31
C GLY B 17 -1.80 -2.44 -14.76
N VAL B 18 -1.08 -3.13 -15.64
CA VAL B 18 -1.29 -3.00 -17.07
C VAL B 18 -0.84 -4.29 -17.75
N ALA B 19 -1.52 -4.65 -18.83
CA ALA B 19 -1.21 -5.87 -19.55
C ALA B 19 -1.64 -5.73 -21.01
N PHE B 20 -0.95 -6.45 -21.89
CA PHE B 20 -1.27 -6.49 -23.32
C PHE B 20 -2.02 -7.78 -23.66
N SER B 21 -2.91 -7.69 -24.64
CA SER B 21 -3.52 -8.90 -25.18
C SER B 21 -2.46 -9.75 -25.88
N PRO B 22 -2.66 -11.07 -25.95
CA PRO B 22 -1.65 -11.92 -26.59
C PRO B 22 -1.35 -11.54 -28.03
N ASP B 23 -2.31 -10.98 -28.76
CA ASP B 23 -2.04 -10.47 -30.10
C ASP B 23 -1.53 -9.03 -30.09
N GLY B 24 -1.40 -8.42 -28.91
CA GLY B 24 -0.79 -7.11 -28.77
C GLY B 24 -1.67 -5.94 -29.14
N GLN B 25 -2.89 -6.17 -29.61
CA GLN B 25 -3.70 -5.07 -30.12
C GLN B 25 -4.62 -4.46 -29.06
N THR B 26 -4.73 -5.07 -27.88
CA THR B 26 -5.58 -4.55 -26.82
C THR B 26 -4.78 -4.42 -25.54
N ILE B 27 -4.97 -3.30 -24.83
CA ILE B 27 -4.34 -3.04 -23.55
C ILE B 27 -5.40 -3.07 -22.46
N ALA B 28 -5.07 -3.68 -21.33
CA ALA B 28 -5.94 -3.72 -20.16
C ALA B 28 -5.26 -2.99 -19.01
N SER B 29 -6.04 -2.18 -18.29
CA SER B 29 -5.53 -1.41 -17.16
C SER B 29 -6.37 -1.69 -15.93
N ALA B 30 -5.72 -1.82 -14.78
CA ALA B 30 -6.39 -2.02 -13.50
C ALA B 30 -6.27 -0.75 -12.67
N SER B 31 -7.31 -0.43 -11.90
CA SER B 31 -7.34 0.84 -11.20
C SER B 31 -7.95 0.70 -9.81
N ASP B 32 -7.53 1.60 -8.92
CA ASP B 32 -8.16 1.71 -7.61
C ASP B 32 -9.62 2.16 -7.71
N ASP B 33 -10.08 2.59 -8.89
CA ASP B 33 -11.47 2.97 -9.08
C ASP B 33 -12.40 1.78 -9.28
N LYS B 34 -11.93 0.56 -8.99
CA LYS B 34 -12.69 -0.69 -9.00
C LYS B 34 -13.01 -1.21 -10.40
N THR B 35 -12.38 -0.67 -11.44
CA THR B 35 -12.63 -1.13 -12.80
C THR B 35 -11.35 -1.60 -13.48
N VAL B 36 -11.54 -2.39 -14.52
CA VAL B 36 -10.54 -2.61 -15.55
C VAL B 36 -11.06 -1.94 -16.82
N LYS B 37 -10.17 -1.25 -17.54
CA LYS B 37 -10.51 -0.65 -18.81
C LYS B 37 -9.69 -1.28 -19.92
N LEU B 38 -10.33 -1.49 -21.06
CA LEU B 38 -9.66 -2.01 -22.26
C LEU B 38 -9.46 -0.89 -23.26
N TRP B 39 -8.31 -0.91 -23.93
CA TRP B 39 -7.85 0.20 -24.75
C TRP B 39 -7.27 -0.39 -26.03
N ASN B 40 -7.42 0.32 -27.14
CA ASN B 40 -6.64 -0.11 -28.31
C ASN B 40 -5.23 0.48 -28.24
N ARG B 41 -4.30 -0.14 -28.98
CA ARG B 41 -2.90 0.28 -28.94
C ARG B 41 -2.71 1.75 -29.32
N ASN B 42 -3.78 2.41 -29.80
CA ASN B 42 -3.71 3.79 -30.28
C ASN B 42 -4.26 4.82 -29.30
N GLY B 43 -4.88 4.41 -28.21
CA GLY B 43 -5.29 5.35 -27.17
C GLY B 43 -6.77 5.41 -26.87
N GLN B 44 -7.63 4.68 -27.57
CA GLN B 44 -9.07 4.81 -27.42
C GLN B 44 -9.61 3.81 -26.41
N LEU B 45 -10.51 4.29 -25.54
CA LEU B 45 -11.14 3.41 -24.56
C LEU B 45 -12.18 2.54 -25.25
N LEU B 46 -12.03 1.22 -25.10
CA LEU B 46 -12.95 0.27 -25.70
C LEU B 46 -14.03 -0.22 -24.76
N GLN B 47 -13.67 -0.55 -23.51
CA GLN B 47 -14.61 -1.13 -22.56
C GLN B 47 -14.21 -0.70 -21.15
N THR B 48 -15.20 -0.68 -20.27
CA THR B 48 -14.98 -0.57 -18.83
C THR B 48 -15.60 -1.78 -18.15
N LEU B 49 -14.80 -2.50 -17.38
CA LEU B 49 -15.24 -3.74 -16.74
C LEU B 49 -15.63 -3.43 -15.30
N THR B 50 -16.93 -3.49 -15.02
CA THR B 50 -17.50 -3.11 -13.73
C THR B 50 -18.01 -4.34 -13.00
N GLY B 51 -17.67 -4.46 -11.72
CA GLY B 51 -18.11 -5.60 -10.95
C GLY B 51 -17.40 -5.79 -9.62
N HIS B 52 -16.10 -5.52 -9.58
CA HIS B 52 -15.39 -5.59 -8.30
C HIS B 52 -15.93 -4.56 -7.34
N SER B 53 -15.96 -4.92 -6.05
CA SER B 53 -16.48 -4.05 -5.00
C SER B 53 -15.40 -3.27 -4.28
N SER B 54 -14.12 -3.50 -4.61
CA SER B 54 -13.02 -2.72 -4.06
C SER B 54 -11.98 -2.52 -5.15
N SER B 55 -10.84 -1.96 -4.75
CA SER B 55 -9.74 -1.68 -5.66
C SER B 55 -9.36 -2.90 -6.48
N VAL B 56 -9.04 -2.67 -7.75
CA VAL B 56 -8.50 -3.71 -8.62
C VAL B 56 -6.98 -3.54 -8.66
N THR B 57 -6.27 -4.65 -8.45
CA THR B 57 -4.83 -4.61 -8.22
C THR B 57 -3.99 -5.18 -9.38
N GLY B 58 -4.60 -5.96 -10.27
CA GLY B 58 -3.86 -6.53 -11.39
C GLY B 58 -4.82 -7.03 -12.43
N VAL B 59 -4.26 -7.33 -13.61
CA VAL B 59 -5.05 -7.79 -14.75
C VAL B 59 -4.14 -8.61 -15.65
N ALA B 60 -4.72 -9.62 -16.31
CA ALA B 60 -3.98 -10.48 -17.23
C ALA B 60 -4.94 -11.04 -18.26
N PHE B 61 -4.39 -11.40 -19.43
CA PHE B 61 -5.11 -12.07 -20.50
C PHE B 61 -4.76 -13.56 -20.53
N SER B 62 -5.73 -14.38 -20.88
CA SER B 62 -5.46 -15.79 -21.12
C SER B 62 -4.68 -15.95 -22.42
N PRO B 63 -3.88 -17.02 -22.55
CA PRO B 63 -3.10 -17.20 -23.79
C PRO B 63 -3.96 -17.27 -25.05
N ASP B 64 -5.14 -17.88 -24.97
CA ASP B 64 -6.01 -17.91 -26.15
C ASP B 64 -6.76 -16.61 -26.38
N GLY B 65 -6.57 -15.61 -25.51
CA GLY B 65 -7.14 -14.30 -25.71
C GLY B 65 -8.59 -14.15 -25.37
N GLN B 66 -9.31 -15.24 -25.11
CA GLN B 66 -10.75 -15.18 -24.90
C GLN B 66 -11.14 -14.78 -23.48
N THR B 67 -10.27 -14.96 -22.49
CA THR B 67 -10.58 -14.71 -21.10
C THR B 67 -9.67 -13.63 -20.53
N ILE B 68 -10.25 -12.74 -19.72
CA ILE B 68 -9.52 -11.71 -18.99
C ILE B 68 -9.71 -11.95 -17.51
N ALA B 69 -8.62 -11.88 -16.74
CA ALA B 69 -8.66 -12.04 -15.30
C ALA B 69 -8.25 -10.74 -14.62
N SER B 70 -8.94 -10.42 -13.53
CA SER B 70 -8.62 -9.24 -12.73
C SER B 70 -8.55 -9.63 -11.28
N ALA B 71 -7.55 -9.11 -10.58
CA ALA B 71 -7.34 -9.32 -9.15
C ALA B 71 -7.78 -8.07 -8.39
N SER B 72 -8.34 -8.28 -7.19
CA SER B 72 -8.94 -7.16 -6.48
C SER B 72 -8.75 -7.26 -4.98
N ASP B 73 -8.73 -6.09 -4.33
CA ASP B 73 -8.78 -6.00 -2.88
C ASP B 73 -10.08 -6.53 -2.31
N ASP B 74 -11.12 -6.74 -3.12
CA ASP B 74 -12.34 -7.36 -2.63
C ASP B 74 -12.19 -8.86 -2.40
N LYS B 75 -10.95 -9.36 -2.48
CA LYS B 75 -10.57 -10.74 -2.14
C LYS B 75 -10.90 -11.75 -3.23
N THR B 76 -11.22 -11.30 -4.44
CA THR B 76 -11.61 -12.20 -5.52
C THR B 76 -10.76 -11.97 -6.76
N VAL B 77 -10.73 -12.99 -7.61
CA VAL B 77 -10.36 -12.84 -9.01
C VAL B 77 -11.64 -12.97 -9.82
N LYS B 78 -11.82 -12.09 -10.80
CA LYS B 78 -12.97 -12.13 -11.69
C LYS B 78 -12.50 -12.39 -13.11
N LEU B 79 -13.28 -13.19 -13.84
CA LEU B 79 -12.99 -13.54 -15.22
C LEU B 79 -14.00 -12.87 -16.14
N TRP B 80 -13.51 -12.30 -17.24
CA TRP B 80 -14.34 -11.53 -18.14
C TRP B 80 -14.11 -12.00 -19.57
N ASN B 81 -15.10 -11.78 -20.43
CA ASN B 81 -14.89 -12.02 -21.84
C ASN B 81 -14.39 -10.75 -22.52
N ARG B 82 -14.03 -10.87 -23.79
CA ARG B 82 -13.39 -9.76 -24.47
C ARG B 82 -14.35 -8.61 -24.75
N ASN B 83 -15.65 -8.79 -24.57
CA ASN B 83 -16.60 -7.69 -24.61
C ASN B 83 -16.73 -6.99 -23.27
N GLY B 84 -15.94 -7.38 -22.28
CA GLY B 84 -15.99 -6.76 -20.98
C GLY B 84 -17.12 -7.23 -20.09
N GLN B 85 -17.66 -8.42 -20.35
CA GLN B 85 -18.76 -8.97 -19.58
C GLN B 85 -18.25 -9.96 -18.55
N LEU B 86 -18.81 -9.89 -17.35
CA LEU B 86 -18.35 -10.72 -16.24
C LEU B 86 -18.79 -12.17 -16.44
N LEU B 87 -17.86 -13.10 -16.28
CA LEU B 87 -18.09 -14.52 -16.51
C LEU B 87 -18.17 -15.34 -15.23
N GLN B 88 -17.23 -15.14 -14.31
CA GLN B 88 -17.18 -15.92 -13.07
C GLN B 88 -16.35 -15.16 -12.06
N THR B 89 -16.50 -15.54 -10.80
CA THR B 89 -15.75 -14.96 -9.70
C THR B 89 -15.09 -16.08 -8.91
N LEU B 90 -13.77 -15.99 -8.72
CA LEU B 90 -13.02 -16.97 -7.95
C LEU B 90 -12.93 -16.47 -6.52
N THR B 91 -13.59 -17.15 -5.59
CA THR B 91 -13.55 -16.81 -4.18
C THR B 91 -12.80 -17.91 -3.42
N GLY B 92 -12.10 -17.50 -2.37
CA GLY B 92 -11.30 -18.42 -1.59
C GLY B 92 -10.27 -17.70 -0.73
N HIS B 93 -9.60 -16.71 -1.31
CA HIS B 93 -8.64 -15.93 -0.54
C HIS B 93 -9.35 -15.19 0.58
N SER B 94 -8.64 -15.00 1.70
CA SER B 94 -9.21 -14.35 2.88
C SER B 94 -8.81 -12.89 3.01
N SER B 95 -7.98 -12.39 2.08
CA SER B 95 -7.61 -10.98 2.05
CA SER B 95 -7.58 -10.99 2.05
C SER B 95 -7.43 -10.57 0.60
N SER B 96 -6.92 -9.35 0.38
CA SER B 96 -6.73 -8.80 -0.94
C SER B 96 -6.03 -9.78 -1.87
N VAL B 97 -6.51 -9.86 -3.11
CA VAL B 97 -5.79 -10.55 -4.17
C VAL B 97 -4.94 -9.50 -4.88
N THR B 98 -3.64 -9.75 -4.95
CA THR B 98 -2.67 -8.73 -5.34
C THR B 98 -2.13 -8.92 -6.75
N GLY B 99 -2.45 -10.04 -7.40
CA GLY B 99 -1.93 -10.31 -8.72
C GLY B 99 -2.53 -11.59 -9.24
N VAL B 100 -2.50 -11.73 -10.58
CA VAL B 100 -3.09 -12.87 -11.25
C VAL B 100 -2.30 -13.18 -12.51
N ALA B 101 -2.24 -14.47 -12.87
CA ALA B 101 -1.50 -14.92 -14.04
C ALA B 101 -2.16 -16.16 -14.62
N PHE B 102 -2.06 -16.31 -15.94
CA PHE B 102 -2.50 -17.50 -16.64
C PHE B 102 -1.29 -18.39 -16.98
N SER B 103 -1.47 -19.70 -16.85
CA SER B 103 -0.46 -20.62 -17.33
C SER B 103 -0.37 -20.55 -18.86
N PRO B 104 0.81 -20.79 -19.44
CA PRO B 104 0.94 -20.66 -20.90
C PRO B 104 0.07 -21.64 -21.68
N ASP B 105 -0.34 -22.75 -21.08
CA ASP B 105 -1.28 -23.66 -21.74
C ASP B 105 -2.74 -23.26 -21.51
N GLY B 106 -2.97 -22.15 -20.81
CA GLY B 106 -4.32 -21.67 -20.55
C GLY B 106 -5.13 -22.52 -19.59
N GLN B 107 -4.56 -23.60 -19.06
CA GLN B 107 -5.33 -24.51 -18.22
C GLN B 107 -5.43 -24.05 -16.77
N THR B 108 -4.51 -23.21 -16.31
CA THR B 108 -4.39 -22.88 -14.89
C THR B 108 -4.33 -21.38 -14.69
N ILE B 109 -4.99 -20.90 -13.64
CA ILE B 109 -4.90 -19.52 -13.21
C ILE B 109 -4.23 -19.48 -11.84
N ALA B 110 -3.26 -18.59 -11.69
CA ALA B 110 -2.57 -18.37 -10.42
C ALA B 110 -2.91 -17.00 -9.87
N SER B 111 -3.20 -16.94 -8.57
CA SER B 111 -3.55 -15.69 -7.89
C SER B 111 -2.67 -15.51 -6.66
N ALA B 112 -2.20 -14.28 -6.46
CA ALA B 112 -1.43 -13.92 -5.27
C ALA B 112 -2.30 -13.13 -4.32
N SER B 113 -2.10 -13.33 -3.01
CA SER B 113 -2.96 -12.68 -2.04
C SER B 113 -2.21 -12.27 -0.79
N ASP B 114 -2.70 -11.19 -0.18
CA ASP B 114 -2.26 -10.75 1.14
C ASP B 114 -2.45 -11.81 2.21
N ASP B 115 -3.21 -12.88 1.94
CA ASP B 115 -3.40 -13.93 2.93
C ASP B 115 -2.22 -14.88 3.02
N LYS B 116 -1.08 -14.54 2.39
CA LYS B 116 0.21 -15.25 2.43
C LYS B 116 0.27 -16.45 1.49
N THR B 117 -0.71 -16.65 0.61
CA THR B 117 -0.73 -17.84 -0.23
C THR B 117 -0.86 -17.48 -1.70
N VAL B 118 -0.48 -18.43 -2.54
CA VAL B 118 -0.84 -18.45 -3.95
C VAL B 118 -1.88 -19.54 -4.12
N LYS B 119 -2.90 -19.29 -4.93
CA LYS B 119 -3.87 -20.32 -5.26
C LYS B 119 -3.83 -20.61 -6.75
N LEU B 120 -3.94 -21.90 -7.08
CA LEU B 120 -4.03 -22.38 -8.44
C LEU B 120 -5.48 -22.78 -8.71
N TRP B 121 -6.05 -22.25 -9.80
CA TRP B 121 -7.43 -22.53 -10.18
C TRP B 121 -7.48 -23.11 -11.58
N ASN B 122 -8.27 -24.16 -11.75
CA ASN B 122 -8.73 -24.53 -13.08
C ASN B 122 -9.48 -23.37 -13.72
N ARG B 123 -9.47 -23.34 -15.06
CA ARG B 123 -10.14 -22.25 -15.78
C ARG B 123 -11.65 -22.23 -15.58
N ASN B 124 -12.24 -23.30 -15.03
CA ASN B 124 -13.68 -23.27 -14.77
C ASN B 124 -14.02 -22.69 -13.41
N GLY B 125 -13.00 -22.40 -12.60
CA GLY B 125 -13.19 -21.78 -11.30
C GLY B 125 -12.91 -22.67 -10.11
N GLN B 126 -12.62 -23.95 -10.32
CA GLN B 126 -12.40 -24.87 -9.21
C GLN B 126 -11.02 -24.66 -8.62
N LEU B 127 -10.96 -24.46 -7.30
CA LEU B 127 -9.68 -24.36 -6.61
C LEU B 127 -8.94 -25.68 -6.70
N LEU B 128 -7.68 -25.62 -7.16
CA LEU B 128 -6.85 -26.81 -7.32
C LEU B 128 -5.83 -26.97 -6.18
N GLN B 129 -5.03 -25.94 -5.92
CA GLN B 129 -4.01 -25.98 -4.89
C GLN B 129 -3.92 -24.65 -4.18
N THR B 130 -3.45 -24.70 -2.94
CA THR B 130 -3.06 -23.50 -2.20
C THR B 130 -1.57 -23.62 -1.90
N LEU B 131 -0.79 -22.69 -2.43
CA LEU B 131 0.65 -22.72 -2.26
C LEU B 131 1.00 -21.92 -1.00
N THR B 132 1.37 -22.61 0.07
CA THR B 132 1.69 -21.98 1.33
C THR B 132 3.15 -22.18 1.68
N GLY B 133 3.77 -21.13 2.21
CA GLY B 133 5.16 -21.18 2.61
C GLY B 133 5.65 -19.80 3.00
N HIS B 134 5.19 -18.79 2.28
CA HIS B 134 5.53 -17.41 2.62
C HIS B 134 5.00 -17.07 4.01
N SER B 135 5.74 -16.24 4.73
CA SER B 135 5.35 -15.85 6.07
C SER B 135 4.70 -14.48 6.12
N SER B 136 4.49 -13.84 4.96
CA SER B 136 3.76 -12.59 4.89
C SER B 136 3.05 -12.51 3.54
N SER B 137 2.37 -11.39 3.32
CA SER B 137 1.58 -11.17 2.11
C SER B 137 2.35 -11.55 0.85
N VAL B 138 1.64 -12.11 -0.12
CA VAL B 138 2.18 -12.38 -1.45
C VAL B 138 1.74 -11.25 -2.37
N THR B 139 2.69 -10.71 -3.12
CA THR B 139 2.46 -9.48 -3.87
C THR B 139 2.39 -9.68 -5.38
N GLY B 140 2.69 -10.88 -5.87
CA GLY B 140 2.73 -11.11 -7.31
C GLY B 140 3.05 -12.55 -7.59
N VAL B 141 2.78 -12.96 -8.84
CA VAL B 141 2.92 -14.35 -9.23
C VAL B 141 3.14 -14.38 -10.75
N ALA B 142 3.92 -15.36 -11.20
CA ALA B 142 4.21 -15.49 -12.62
C ALA B 142 4.49 -16.95 -12.96
N PHE B 143 4.24 -17.31 -14.22
CA PHE B 143 4.58 -18.61 -14.76
C PHE B 143 5.85 -18.51 -15.61
N SER B 144 6.69 -19.53 -15.53
CA SER B 144 7.77 -19.68 -16.48
C SER B 144 7.19 -19.92 -17.88
N PRO B 145 7.94 -19.55 -18.93
CA PRO B 145 7.42 -19.74 -20.30
C PRO B 145 7.00 -21.17 -20.62
N ASP B 146 7.70 -22.17 -20.08
CA ASP B 146 7.28 -23.55 -20.30
C ASP B 146 6.21 -24.01 -19.32
N GLY B 147 5.76 -23.13 -18.42
CA GLY B 147 4.69 -23.44 -17.50
C GLY B 147 5.04 -24.44 -16.41
N GLN B 148 6.28 -24.91 -16.34
CA GLN B 148 6.63 -25.91 -15.35
C GLN B 148 6.97 -25.32 -13.99
N THR B 149 7.23 -24.02 -13.92
CA THR B 149 7.63 -23.37 -12.68
C THR B 149 6.75 -22.16 -12.43
N ILE B 150 6.41 -21.96 -11.16
CA ILE B 150 5.67 -20.78 -10.69
C ILE B 150 6.59 -19.99 -9.77
N ALA B 151 6.59 -18.66 -9.93
CA ALA B 151 7.35 -17.79 -9.06
C ALA B 151 6.41 -16.86 -8.30
N SER B 152 6.68 -16.66 -7.01
CA SER B 152 5.86 -15.80 -6.17
C SER B 152 6.75 -14.81 -5.44
N ALA B 153 6.28 -13.57 -5.34
CA ALA B 153 6.96 -12.51 -4.60
C ALA B 153 6.18 -12.23 -3.32
N SER B 154 6.90 -11.89 -2.24
CA SER B 154 6.25 -11.74 -0.95
C SER B 154 6.84 -10.60 -0.14
N ASP B 155 6.01 -10.06 0.76
CA ASP B 155 6.43 -9.08 1.74
C ASP B 155 7.42 -9.66 2.74
N ASP B 156 7.57 -10.99 2.79
CA ASP B 156 8.58 -11.60 3.65
C ASP B 156 10.00 -11.51 3.08
N LYS B 157 10.19 -10.71 2.02
CA LYS B 157 11.46 -10.38 1.38
C LYS B 157 12.03 -11.50 0.52
N THR B 158 11.25 -12.53 0.19
CA THR B 158 11.73 -13.63 -0.62
C THR B 158 10.92 -13.77 -1.89
N VAL B 159 11.54 -14.42 -2.88
CA VAL B 159 10.83 -15.05 -3.99
C VAL B 159 10.86 -16.55 -3.73
N LYS B 160 9.74 -17.23 -3.98
CA LYS B 160 9.69 -18.68 -3.89
C LYS B 160 9.34 -19.28 -5.24
N LEU B 161 9.99 -20.39 -5.58
CA LEU B 161 9.76 -21.10 -6.83
C LEU B 161 9.04 -22.40 -6.55
N TRP B 162 8.02 -22.69 -7.36
CA TRP B 162 7.10 -23.79 -7.13
C TRP B 162 6.99 -24.59 -8.43
N ASN B 163 6.68 -25.88 -8.32
CA ASN B 163 6.44 -26.65 -9.53
C ASN B 163 4.95 -26.64 -9.87
N ARG B 164 4.59 -27.27 -10.99
CA ARG B 164 3.19 -27.24 -11.44
C ARG B 164 2.27 -27.93 -10.45
N ASN B 165 2.79 -28.87 -9.67
CA ASN B 165 2.01 -29.56 -8.66
C ASN B 165 1.80 -28.73 -7.39
N GLY B 166 2.43 -27.56 -7.30
CA GLY B 166 2.31 -26.71 -6.13
C GLY B 166 3.32 -26.96 -5.02
N GLN B 167 4.39 -27.72 -5.28
CA GLN B 167 5.38 -27.99 -4.26
C GLN B 167 6.52 -26.97 -4.33
N LEU B 168 7.06 -26.64 -3.16
CA LEU B 168 8.16 -25.68 -3.09
C LEU B 168 9.45 -26.24 -3.69
N LEU B 169 10.12 -25.42 -4.50
CA LEU B 169 11.40 -25.78 -5.10
C LEU B 169 12.55 -25.00 -4.53
N GLN B 170 12.47 -23.67 -4.51
CA GLN B 170 13.53 -22.81 -4.01
C GLN B 170 12.95 -21.59 -3.33
N THR B 171 13.73 -21.02 -2.41
CA THR B 171 13.45 -19.72 -1.82
C THR B 171 14.64 -18.82 -2.14
N LEU B 172 14.38 -17.67 -2.75
CA LEU B 172 15.43 -16.73 -3.13
C LEU B 172 15.52 -15.64 -2.07
N THR B 173 16.62 -15.66 -1.31
CA THR B 173 16.83 -14.73 -0.19
C THR B 173 17.93 -13.75 -0.54
N GLY B 174 17.71 -12.49 -0.20
CA GLY B 174 18.72 -11.48 -0.47
C GLY B 174 18.19 -10.06 -0.42
N HIS B 175 16.95 -9.86 -0.86
CA HIS B 175 16.33 -8.54 -0.75
C HIS B 175 16.20 -8.15 0.72
N SER B 176 16.36 -6.86 1.00
CA SER B 176 16.28 -6.37 2.36
C SER B 176 14.91 -5.78 2.71
N SER B 177 13.99 -5.73 1.74
CA SER B 177 12.63 -5.27 1.98
C SER B 177 11.67 -6.12 1.13
N SER B 178 10.38 -5.83 1.26
CA SER B 178 9.33 -6.51 0.52
C SER B 178 9.69 -6.68 -0.95
N VAL B 179 9.45 -7.87 -1.48
CA VAL B 179 9.52 -8.12 -2.91
C VAL B 179 8.15 -7.84 -3.50
N THR B 180 8.10 -7.00 -4.55
CA THR B 180 6.86 -6.48 -5.08
C THR B 180 6.41 -7.12 -6.38
N GLY B 181 7.30 -7.82 -7.08
CA GLY B 181 6.95 -8.44 -8.34
C GLY B 181 8.06 -9.38 -8.78
N VAL B 182 7.72 -10.24 -9.73
CA VAL B 182 8.62 -11.28 -10.20
C VAL B 182 8.31 -11.62 -11.64
N ALA B 183 9.34 -11.97 -12.40
CA ALA B 183 9.18 -12.29 -13.82
C ALA B 183 10.24 -13.31 -14.24
N PHE B 184 9.94 -14.01 -15.34
CA PHE B 184 10.83 -15.00 -15.92
C PHE B 184 11.40 -14.47 -17.23
N SER B 185 12.65 -14.81 -17.52
CA SER B 185 13.21 -14.53 -18.84
C SER B 185 12.57 -15.46 -19.88
N PRO B 186 12.59 -15.07 -21.16
CA PRO B 186 11.91 -15.89 -22.19
C PRO B 186 12.40 -17.32 -22.24
N ASP B 187 13.66 -17.51 -21.88
CA ASP B 187 14.34 -18.79 -21.88
C ASP B 187 14.18 -19.55 -20.56
N GLY B 188 13.49 -18.96 -19.58
CA GLY B 188 13.10 -19.64 -18.36
C GLY B 188 14.19 -19.80 -17.33
N GLN B 189 15.42 -19.41 -17.63
CA GLN B 189 16.56 -19.72 -16.77
C GLN B 189 16.92 -18.58 -15.83
N THR B 190 16.38 -17.38 -16.03
CA THR B 190 16.64 -16.24 -15.17
C THR B 190 15.33 -15.74 -14.59
N ILE B 191 15.31 -15.52 -13.26
CA ILE B 191 14.20 -14.86 -12.57
C ILE B 191 14.61 -13.43 -12.25
N ALA B 192 13.70 -12.49 -12.45
CA ALA B 192 13.89 -11.11 -12.00
C ALA B 192 12.90 -10.80 -10.89
N SER B 193 13.37 -10.11 -9.84
CA SER B 193 12.54 -9.72 -8.72
C SER B 193 12.64 -8.22 -8.48
N ALA B 194 11.52 -7.60 -8.12
CA ALA B 194 11.47 -6.18 -7.79
C ALA B 194 11.19 -6.03 -6.30
N SER B 195 11.78 -5.00 -5.67
CA SER B 195 11.70 -4.89 -4.22
C SER B 195 11.58 -3.46 -3.74
N ASP B 196 10.92 -3.29 -2.60
CA ASP B 196 10.91 -2.02 -1.90
C ASP B 196 12.30 -1.57 -1.45
N ASP B 197 13.31 -2.43 -1.54
CA ASP B 197 14.68 -2.04 -1.22
C ASP B 197 15.34 -1.25 -2.34
N LYS B 198 14.57 -0.81 -3.33
CA LYS B 198 14.99 0.05 -4.44
C LYS B 198 15.80 -0.69 -5.50
N THR B 199 15.82 -2.02 -5.52
CA THR B 199 16.62 -2.75 -6.49
C THR B 199 15.77 -3.78 -7.23
N VAL B 200 16.32 -4.23 -8.36
CA VAL B 200 15.91 -5.46 -9.03
C VAL B 200 17.06 -6.44 -8.87
N LYS B 201 16.73 -7.70 -8.58
CA LYS B 201 17.74 -8.74 -8.52
C LYS B 201 17.45 -9.79 -9.59
N LEU B 202 18.51 -10.30 -10.20
CA LEU B 202 18.43 -11.36 -11.19
C LEU B 202 18.99 -12.64 -10.59
N TRP B 203 18.23 -13.73 -10.70
CA TRP B 203 18.58 -15.01 -10.11
C TRP B 203 18.55 -16.08 -11.19
N ASN B 204 19.19 -17.21 -10.90
CA ASN B 204 19.08 -18.37 -11.78
C ASN B 204 18.10 -19.37 -11.17
N ARG B 205 17.86 -20.45 -11.93
CA ARG B 205 16.84 -21.41 -11.55
C ARG B 205 17.17 -22.07 -10.21
N ASN B 206 18.45 -22.32 -9.94
CA ASN B 206 18.87 -22.95 -8.70
C ASN B 206 18.95 -21.98 -7.53
N GLY B 207 18.60 -20.72 -7.72
CA GLY B 207 18.52 -19.79 -6.61
C GLY B 207 19.75 -18.96 -6.33
N GLN B 208 20.75 -18.98 -7.21
CA GLN B 208 21.93 -18.17 -7.01
C GLN B 208 21.69 -16.76 -7.51
N LEU B 209 22.07 -15.78 -6.69
CA LEU B 209 21.98 -14.38 -7.11
C LEU B 209 23.03 -14.08 -8.16
N LEU B 210 22.60 -13.53 -9.29
CA LEU B 210 23.50 -13.19 -10.38
C LEU B 210 23.83 -11.71 -10.46
N GLN B 211 22.87 -10.85 -10.17
CA GLN B 211 23.00 -9.44 -10.47
C GLN B 211 22.07 -8.65 -9.56
N THR B 212 22.49 -7.46 -9.18
CA THR B 212 21.62 -6.51 -8.48
C THR B 212 21.61 -5.22 -9.28
N LEU B 213 20.42 -4.77 -9.70
CA LEU B 213 20.27 -3.56 -10.50
C LEU B 213 19.96 -2.40 -9.56
N THR B 214 20.90 -1.47 -9.45
CA THR B 214 20.78 -0.33 -8.56
C THR B 214 20.68 0.96 -9.38
N GLY B 215 19.88 1.90 -8.89
CA GLY B 215 19.71 3.16 -9.60
C GLY B 215 18.41 3.87 -9.28
N HIS B 216 17.33 3.11 -9.08
CA HIS B 216 16.08 3.70 -8.63
C HIS B 216 16.27 4.35 -7.27
N SER B 217 15.61 5.48 -7.06
CA SER B 217 15.75 6.21 -5.81
C SER B 217 14.64 5.90 -4.82
N SER B 218 13.64 5.12 -5.22
CA SER B 218 12.57 4.71 -4.34
C SER B 218 12.24 3.25 -4.62
N SER B 219 11.22 2.74 -3.93
CA SER B 219 10.76 1.37 -4.08
C SER B 219 10.57 1.01 -5.55
N VAL B 220 10.98 -0.20 -5.91
CA VAL B 220 10.70 -0.74 -7.23
C VAL B 220 9.44 -1.59 -7.12
N THR B 221 8.46 -1.32 -8.00
CA THR B 221 7.11 -1.83 -7.86
C THR B 221 6.77 -2.93 -8.86
N GLY B 222 7.60 -3.16 -9.87
CA GLY B 222 7.32 -4.17 -10.87
C GLY B 222 8.51 -4.35 -11.77
N VAL B 223 8.54 -5.50 -12.45
CA VAL B 223 9.64 -5.84 -13.34
C VAL B 223 9.12 -6.73 -14.46
N ALA B 224 9.74 -6.61 -15.63
CA ALA B 224 9.35 -7.41 -16.79
C ALA B 224 10.54 -7.61 -17.70
N PHE B 225 10.54 -8.75 -18.41
CA PHE B 225 11.49 -9.03 -19.47
C PHE B 225 10.85 -8.74 -20.82
N SER B 226 11.63 -8.10 -21.70
CA SER B 226 11.20 -7.98 -23.09
C SER B 226 11.01 -9.39 -23.68
N PRO B 227 10.08 -9.57 -24.61
CA PRO B 227 9.87 -10.92 -25.16
C PRO B 227 11.09 -11.46 -25.88
N ASP B 228 11.94 -10.59 -26.44
CA ASP B 228 13.22 -11.01 -26.97
C ASP B 228 14.23 -11.30 -25.87
N GLY B 229 14.05 -10.72 -24.69
CA GLY B 229 14.79 -11.12 -23.51
C GLY B 229 15.99 -10.26 -23.18
N GLN B 230 16.32 -9.29 -24.02
CA GLN B 230 17.58 -8.64 -23.84
C GLN B 230 17.44 -7.27 -23.23
N THR B 231 16.23 -6.93 -22.81
CA THR B 231 15.92 -5.75 -22.03
C THR B 231 15.07 -6.12 -20.84
N ILE B 232 15.37 -5.51 -19.69
CA ILE B 232 14.59 -5.63 -18.47
C ILE B 232 14.01 -4.26 -18.15
N ALA B 233 12.72 -4.21 -17.85
CA ALA B 233 12.05 -2.97 -17.47
C ALA B 233 11.63 -3.04 -16.02
N SER B 234 11.81 -1.95 -15.29
CA SER B 234 11.45 -1.87 -13.88
C SER B 234 10.61 -0.62 -13.63
N ALA B 235 9.51 -0.78 -12.89
CA ALA B 235 8.68 0.33 -12.45
C ALA B 235 9.03 0.70 -11.02
N SER B 236 8.89 1.97 -10.67
CA SER B 236 9.33 2.39 -9.34
C SER B 236 8.48 3.54 -8.81
N ASP B 237 8.43 3.65 -7.48
CA ASP B 237 7.78 4.77 -6.82
C ASP B 237 8.50 6.09 -7.07
N ASP B 238 9.68 6.08 -7.68
CA ASP B 238 10.37 7.32 -8.00
C ASP B 238 9.84 7.97 -9.27
N LYS B 239 8.69 7.51 -9.77
CA LYS B 239 7.94 8.06 -10.91
C LYS B 239 8.56 7.70 -12.25
N THR B 240 9.46 6.73 -12.32
CA THR B 240 10.13 6.38 -13.56
C THR B 240 9.99 4.90 -13.86
N VAL B 241 10.16 4.57 -15.13
CA VAL B 241 10.50 3.22 -15.58
C VAL B 241 11.95 3.26 -16.03
N LYS B 242 12.70 2.21 -15.72
CA LYS B 242 14.08 2.12 -16.16
C LYS B 242 14.27 0.86 -17.00
N LEU B 243 15.06 0.98 -18.07
CA LEU B 243 15.36 -0.13 -18.95
C LEU B 243 16.82 -0.53 -18.77
N TRP B 244 17.05 -1.84 -18.67
CA TRP B 244 18.33 -2.40 -18.28
C TRP B 244 18.71 -3.45 -19.31
N ASN B 245 20.01 -3.62 -19.56
CA ASN B 245 20.39 -4.75 -20.39
C ASN B 245 20.67 -5.97 -19.50
N ARG B 246 20.90 -7.11 -20.14
CA ARG B 246 21.04 -8.34 -19.38
C ARG B 246 22.33 -8.39 -18.56
N ASN B 247 23.27 -7.48 -18.80
CA ASN B 247 24.51 -7.41 -18.04
C ASN B 247 24.41 -6.45 -16.86
N GLY B 248 23.24 -5.88 -16.59
CA GLY B 248 23.04 -5.01 -15.45
C GLY B 248 23.17 -3.54 -15.71
N GLN B 249 23.39 -3.12 -16.96
CA GLN B 249 23.67 -1.73 -17.28
C GLN B 249 22.36 -0.98 -17.52
N LEU B 250 22.22 0.17 -16.86
CA LEU B 250 21.08 1.05 -17.09
C LEU B 250 21.16 1.64 -18.49
N LEU B 251 20.07 1.50 -19.25
CA LEU B 251 20.02 1.98 -20.62
C LEU B 251 19.27 3.30 -20.76
N GLN B 252 18.06 3.39 -20.21
CA GLN B 252 17.23 4.57 -20.36
C GLN B 252 16.38 4.74 -19.11
N THR B 253 15.98 5.98 -18.85
CA THR B 253 15.01 6.31 -17.82
C THR B 253 13.80 6.95 -18.50
N LEU B 254 12.63 6.33 -18.34
CA LEU B 254 11.40 6.82 -18.95
C LEU B 254 10.72 7.77 -17.98
N THR B 255 10.74 9.06 -18.29
CA THR B 255 10.25 10.10 -17.40
C THR B 255 9.00 10.75 -17.98
N GLY B 256 8.00 10.97 -17.12
CA GLY B 256 6.78 11.60 -17.55
C GLY B 256 5.63 11.48 -16.55
N HIS B 257 5.53 10.34 -15.89
CA HIS B 257 4.48 10.15 -14.89
C HIS B 257 4.67 11.13 -13.74
N SER B 258 3.55 11.63 -13.20
CA SER B 258 3.61 12.61 -12.14
C SER B 258 3.53 11.98 -10.74
N SER B 259 3.28 10.68 -10.65
CA SER B 259 3.26 9.96 -9.38
C SER B 259 3.96 8.63 -9.57
N SER B 260 3.97 7.83 -8.51
CA SER B 260 4.57 6.49 -8.55
C SER B 260 4.11 5.70 -9.76
N VAL B 261 5.04 4.93 -10.33
CA VAL B 261 4.74 3.95 -11.37
C VAL B 261 4.56 2.61 -10.68
N THR B 262 3.42 1.95 -10.95
CA THR B 262 3.00 0.77 -10.20
C THR B 262 3.19 -0.54 -10.98
N GLY B 263 3.49 -0.46 -12.27
CA GLY B 263 3.64 -1.65 -13.08
C GLY B 263 4.12 -1.29 -14.47
N VAL B 264 4.64 -2.29 -15.16
CA VAL B 264 5.22 -2.11 -16.49
C VAL B 264 5.04 -3.40 -17.28
N ALA B 265 4.84 -3.26 -18.59
CA ALA B 265 4.64 -4.42 -19.45
C ALA B 265 5.24 -4.15 -20.82
N PHE B 266 5.66 -5.23 -21.49
CA PHE B 266 6.05 -5.18 -22.89
C PHE B 266 4.94 -5.73 -23.77
N SER B 267 4.83 -5.19 -24.98
CA SER B 267 3.97 -5.80 -25.97
C SER B 267 4.60 -7.10 -26.50
N PRO B 268 3.78 -8.04 -26.97
CA PRO B 268 4.35 -9.30 -27.49
C PRO B 268 5.32 -9.10 -28.64
N ASP B 269 5.21 -8.01 -29.40
CA ASP B 269 6.18 -7.71 -30.45
C ASP B 269 7.38 -6.92 -29.92
N GLY B 270 7.46 -6.71 -28.61
CA GLY B 270 8.62 -6.11 -27.97
C GLY B 270 8.89 -4.66 -28.29
N GLN B 271 8.03 -3.99 -29.06
CA GLN B 271 8.35 -2.65 -29.53
C GLN B 271 7.60 -1.53 -28.81
N THR B 272 6.66 -1.85 -27.92
CA THR B 272 6.00 -0.83 -27.11
C THR B 272 6.01 -1.23 -25.65
N ILE B 273 6.25 -0.24 -24.78
CA ILE B 273 6.25 -0.43 -23.33
C ILE B 273 5.04 0.29 -22.75
N ALA B 274 4.35 -0.37 -21.82
CA ALA B 274 3.22 0.21 -21.12
C ALA B 274 3.54 0.31 -19.64
N SER B 275 3.23 1.47 -19.05
CA SER B 275 3.44 1.71 -17.63
C SER B 275 2.14 2.20 -16.99
N ALA B 276 1.87 1.70 -15.78
CA ALA B 276 0.74 2.13 -14.97
C ALA B 276 1.23 3.02 -13.83
N SER B 277 0.41 3.99 -13.44
CA SER B 277 0.89 4.97 -12.47
C SER B 277 -0.24 5.42 -11.55
N ASP B 278 0.15 5.79 -10.33
CA ASP B 278 -0.76 6.43 -9.38
C ASP B 278 -1.27 7.78 -9.88
N ASP B 279 -0.74 8.29 -11.00
CA ASP B 279 -1.27 9.53 -11.55
C ASP B 279 -2.52 9.31 -12.40
N LYS B 280 -3.13 8.12 -12.28
CA LYS B 280 -4.41 7.75 -12.90
C LYS B 280 -4.30 7.44 -14.38
N THR B 281 -3.10 7.24 -14.93
CA THR B 281 -2.95 7.01 -16.36
C THR B 281 -2.11 5.77 -16.63
N VAL B 282 -2.23 5.28 -17.86
CA VAL B 282 -1.27 4.36 -18.46
C VAL B 282 -0.54 5.12 -19.55
N LYS B 283 0.77 4.96 -19.62
CA LYS B 283 1.55 5.60 -20.66
C LYS B 283 2.21 4.55 -21.55
N LEU B 284 2.25 4.83 -22.86
CA LEU B 284 2.84 3.96 -23.85
C LEU B 284 4.13 4.59 -24.34
N TRP B 285 5.18 3.79 -24.43
CA TRP B 285 6.51 4.25 -24.79
C TRP B 285 7.05 3.38 -25.91
N ASN B 286 8.06 3.88 -26.64
CA ASN B 286 8.77 3.01 -27.56
C ASN B 286 10.07 2.55 -26.92
N ARG B 287 10.81 1.70 -27.64
CA ARG B 287 12.00 1.14 -27.03
C ARG B 287 13.09 2.19 -26.85
N ASN B 288 13.04 3.30 -27.58
CA ASN B 288 14.03 4.35 -27.41
C ASN B 288 13.49 5.51 -26.57
#